data_9LSC
#
_entry.id   9LSC
#
_cell.length_a   42.690
_cell.length_b   79.070
_cell.length_c   65.680
_cell.angle_alpha   90.00
_cell.angle_beta   91.07
_cell.angle_gamma   90.00
#
_symmetry.space_group_name_H-M   'P 1 21 1'
#
loop_
_entity.id
_entity.type
_entity.pdbx_description
1 polymer 'Red fluorescent protein,grafted calcium-binding sequence'
2 non-polymer 'CALCIUM ION'
3 water water
#
_entity_poly.entity_id   1
_entity_poly.type   'polypeptide(L)'
_entity_poly.pdbx_seq_one_letter_code
;MGGSHHHHHHGMASMTGGQQMGRDLYDDDDKDRWGSELASSEDVIKEFMRFKVRMEGSVNGHEFEIEGEGEGRPYEGTQT
AKLKVTKGGPLPFAWDILSPQF(CRQ)SKAYVKHPADIPDYLKLSFPEGFKWERVMNFEDGGVVTVTQDSSLQDGEFIYK
VKLRGTNFPSDGPVMQKKTMGWEASTERMYPGDGDGDGEAELKGEIKMRLKLKDGGHYDAEVKTTYMAKKPVQLPGAYKT
DIKLDITSHNEDYTIVEQYERAEGRHSTGAGGSGGSENLYFQ
;
_entity_poly.pdbx_strand_id   A,B
#
loop_
_chem_comp.id
_chem_comp.type
_chem_comp.name
_chem_comp.formula
CA non-polymer 'CALCIUM ION' 'Ca 2'
#
# COMPACT_ATOMS: atom_id res chain seq x y z
N VAL A 44 19.35 12.61 1.57
CA VAL A 44 18.79 13.87 2.03
C VAL A 44 17.28 13.74 2.33
N ILE A 45 16.64 12.71 1.80
CA ILE A 45 15.24 12.44 2.07
C ILE A 45 15.18 11.42 3.20
N LYS A 46 14.87 11.89 4.40
CA LYS A 46 14.78 11.03 5.58
C LYS A 46 13.44 10.32 5.61
N GLU A 47 13.30 9.38 6.54
CA GLU A 47 12.06 8.61 6.64
C GLU A 47 10.90 9.46 7.12
N PHE A 48 11.19 10.56 7.81
CA PHE A 48 10.20 11.56 8.16
C PHE A 48 10.67 12.89 7.58
N MET A 49 9.79 13.59 6.86
CA MET A 49 10.15 14.87 6.28
C MET A 49 9.00 15.86 6.45
N ARG A 50 9.34 17.10 6.79
CA ARG A 50 8.40 18.20 6.83
C ARG A 50 8.49 19.00 5.54
N PHE A 51 7.43 19.78 5.27
CA PHE A 51 7.44 20.72 4.16
C PHE A 51 6.72 22.00 4.53
N LYS A 52 7.03 23.04 3.78
CA LYS A 52 6.32 24.31 3.84
C LYS A 52 5.84 24.65 2.44
N VAL A 53 4.66 25.24 2.33
CA VAL A 53 4.07 25.54 1.03
C VAL A 53 3.48 26.94 1.03
N ARG A 54 3.62 27.63 -0.09
CA ARG A 54 2.91 28.88 -0.36
C ARG A 54 2.25 28.77 -1.73
N MET A 55 1.00 29.22 -1.82
CA MET A 55 0.28 29.27 -3.07
C MET A 55 -0.21 30.68 -3.29
N GLU A 56 -0.02 31.20 -4.49
CA GLU A 56 -0.67 32.42 -4.93
C GLU A 56 -1.53 32.07 -6.13
N GLY A 57 -2.78 32.51 -6.12
CA GLY A 57 -3.65 32.06 -7.19
C GLY A 57 -4.79 33.02 -7.44
N SER A 58 -5.52 32.71 -8.49
CA SER A 58 -6.78 33.40 -8.78
C SER A 58 -7.71 32.39 -9.41
N VAL A 59 -8.98 32.45 -9.06
CA VAL A 59 -10.01 31.60 -9.65
C VAL A 59 -11.14 32.53 -10.07
N ASN A 60 -11.47 32.53 -11.36
CA ASN A 60 -12.47 33.44 -11.92
C ASN A 60 -12.19 34.89 -11.53
N GLY A 61 -10.90 35.26 -11.48
CA GLY A 61 -10.50 36.61 -11.15
C GLY A 61 -10.35 36.89 -9.66
N HIS A 62 -10.78 35.99 -8.79
CA HIS A 62 -10.68 36.18 -7.34
C HIS A 62 -9.27 35.79 -6.91
N GLU A 63 -8.48 36.76 -6.45
CA GLU A 63 -7.09 36.53 -6.06
C GLU A 63 -6.99 36.13 -4.59
N PHE A 64 -6.03 35.25 -4.30
CA PHE A 64 -5.89 34.76 -2.92
C PHE A 64 -4.47 34.28 -2.69
N GLU A 65 -4.12 34.09 -1.43
CA GLU A 65 -2.84 33.52 -1.04
C GLU A 65 -3.08 32.53 0.09
N ILE A 66 -2.31 31.45 0.07
CA ILE A 66 -2.40 30.40 1.08
C ILE A 66 -0.99 30.07 1.55
N GLU A 67 -0.84 29.88 2.84
CA GLU A 67 0.42 29.40 3.41
C GLU A 67 0.12 28.16 4.22
N GLY A 68 0.99 27.18 4.15
CA GLY A 68 0.76 25.96 4.90
C GLY A 68 2.04 25.22 5.23
N GLU A 69 1.86 24.13 5.98
CA GLU A 69 2.95 23.27 6.38
C GLU A 69 2.44 21.85 6.37
N GLY A 70 3.35 20.91 6.14
CA GLY A 70 2.97 19.52 6.12
C GLY A 70 4.10 18.64 6.62
N GLU A 71 3.80 17.35 6.71
CA GLU A 71 4.81 16.39 7.12
C GLU A 71 4.36 15.02 6.64
N GLY A 72 5.29 14.08 6.62
CA GLY A 72 4.90 12.74 6.21
C GLY A 72 6.09 11.82 6.14
N ARG A 73 5.85 10.65 5.56
CA ARG A 73 6.82 9.56 5.52
C ARG A 73 7.03 9.21 4.06
N PRO A 74 8.04 9.79 3.42
CA PRO A 74 8.14 9.71 1.94
C PRO A 74 8.25 8.31 1.39
N TYR A 75 8.85 7.38 2.13
CA TYR A 75 8.98 6.01 1.65
C TYR A 75 7.76 5.16 1.97
N GLU A 76 6.87 5.64 2.83
CA GLU A 76 5.62 4.96 3.11
C GLU A 76 4.47 5.50 2.29
N GLY A 77 4.65 6.65 1.63
CA GLY A 77 3.64 7.21 0.75
C GLY A 77 2.53 7.97 1.45
N THR A 78 2.76 8.47 2.67
CA THR A 78 1.72 9.11 3.45
C THR A 78 2.16 10.49 3.88
N GLN A 79 1.19 11.41 3.97
CA GLN A 79 1.53 12.77 4.35
C GLN A 79 0.25 13.51 4.76
N THR A 80 0.44 14.55 5.57
CA THR A 80 -0.61 15.45 5.98
C THR A 80 -0.17 16.88 5.68
N ALA A 81 -1.16 17.77 5.56
CA ALA A 81 -0.91 19.19 5.34
C ALA A 81 -1.95 20.00 6.10
N LYS A 82 -1.54 21.16 6.58
CA LYS A 82 -2.44 22.13 7.18
C LYS A 82 -2.26 23.45 6.44
N LEU A 83 -3.33 23.93 5.82
CA LEU A 83 -3.30 25.12 4.97
C LEU A 83 -4.14 26.22 5.60
N LYS A 84 -3.68 27.46 5.45
CA LYS A 84 -4.39 28.64 5.95
C LYS A 84 -4.51 29.65 4.82
N VAL A 85 -5.72 30.19 4.63
CA VAL A 85 -5.95 31.24 3.64
C VAL A 85 -5.57 32.56 4.29
N THR A 86 -4.45 33.13 3.84
CA THR A 86 -3.89 34.34 4.45
C THR A 86 -4.32 35.62 3.76
N LYS A 87 -4.85 35.54 2.54
CA LYS A 87 -5.32 36.72 1.83
C LYS A 87 -6.39 36.28 0.85
N GLY A 88 -7.46 37.08 0.74
CA GLY A 88 -8.50 36.80 -0.22
C GLY A 88 -9.55 35.81 0.23
N GLY A 89 -9.62 35.52 1.52
CA GLY A 89 -10.61 34.61 2.04
C GLY A 89 -11.79 35.33 2.66
N PRO A 90 -12.84 34.58 3.02
CA PRO A 90 -12.99 33.14 2.71
C PRO A 90 -13.17 32.95 1.22
N LEU A 91 -12.61 31.87 0.69
CA LEU A 91 -12.56 31.69 -0.76
C LEU A 91 -13.96 31.56 -1.32
N PRO A 92 -14.28 32.25 -2.41
CA PRO A 92 -15.62 32.16 -2.98
C PRO A 92 -15.75 31.03 -3.99
N PHE A 93 -15.12 29.89 -3.70
CA PHE A 93 -15.16 28.73 -4.59
C PHE A 93 -14.76 27.51 -3.78
N ALA A 94 -14.99 26.34 -4.37
CA ALA A 94 -14.75 25.06 -3.70
C ALA A 94 -13.27 24.83 -3.39
N TRP A 95 -12.98 24.53 -2.11
CA TRP A 95 -11.63 24.14 -1.70
C TRP A 95 -11.11 22.99 -2.55
N ASP A 96 -11.99 22.09 -2.97
CA ASP A 96 -11.54 20.84 -3.60
C ASP A 96 -10.72 21.08 -4.87
N ILE A 97 -10.89 22.21 -5.57
CA ILE A 97 -10.05 22.40 -6.76
C ILE A 97 -8.60 22.72 -6.40
N LEU A 98 -8.36 23.17 -5.17
CA LEU A 98 -7.01 23.46 -4.68
C LEU A 98 -6.34 22.26 -4.05
N SER A 99 -7.11 21.32 -3.48
CA SER A 99 -6.48 20.30 -2.65
C SER A 99 -5.44 19.46 -3.38
N PRO A 100 -5.61 19.09 -4.66
CA PRO A 100 -4.58 18.29 -5.33
C PRO A 100 -3.32 19.08 -5.68
N GLN A 101 -3.27 20.38 -5.42
CA GLN A 101 -2.06 21.15 -5.70
C GLN A 101 -1.13 21.25 -4.50
N PHE A 102 -1.57 20.84 -3.33
CA PHE A 102 -0.76 20.90 -2.12
C PHE A 102 0.05 19.63 -1.85
N1 CRQ A 103 -0.35 18.53 -2.48
CA1 CRQ A 103 -0.85 17.36 -2.69
CB1 CRQ A 103 -1.54 16.61 -1.59
CG1 CRQ A 103 -0.82 16.79 -0.26
C1 CRQ A 103 -0.82 16.79 -4.04
N2 CRQ A 103 -1.66 15.84 -4.38
N3 CRQ A 103 0.03 17.14 -5.10
C2 CRQ A 103 -0.34 16.36 -6.14
O2 CRQ A 103 0.12 16.34 -7.26
CA2 CRQ A 103 -1.44 15.50 -5.68
CA3 CRQ A 103 1.06 18.18 -5.23
CB2 CRQ A 103 -2.05 14.57 -6.51
CG2 CRQ A 103 -3.41 14.06 -6.44
CD1 CRQ A 103 -4.24 14.20 -5.31
CD2 CRQ A 103 -3.91 13.35 -7.55
CE1 CRQ A 103 -5.50 13.66 -5.29
CE2 CRQ A 103 -5.17 12.82 -7.53
CZ CRQ A 103 -5.98 12.97 -6.41
OH CRQ A 103 -7.23 12.42 -6.41
OE1 CRQ A 103 -2.92 16.41 0.78
C3 CRQ A 103 2.35 18.07 -4.45
O3 CRQ A 103 3.18 18.95 -4.52
CD3 CRQ A 103 -1.72 16.47 0.91
NE1 CRQ A 103 -1.17 16.24 2.13
N SER A 104 2.62 16.87 -3.97
CA SER A 104 3.72 16.67 -3.04
C SER A 104 4.26 15.28 -3.36
N LYS A 105 4.76 15.13 -4.59
CA LYS A 105 5.05 13.81 -5.15
C LYS A 105 6.34 13.19 -4.65
N ALA A 106 7.12 13.90 -3.82
CA ALA A 106 8.24 13.25 -3.16
C ALA A 106 7.76 12.17 -2.18
N TYR A 107 6.48 12.19 -1.80
CA TYR A 107 5.92 11.27 -0.81
C TYR A 107 5.10 10.18 -1.46
N VAL A 108 5.57 9.62 -2.56
CA VAL A 108 4.91 8.49 -3.21
C VAL A 108 5.77 7.26 -2.92
N LYS A 109 5.15 6.23 -2.34
CA LYS A 109 5.88 4.99 -2.12
C LYS A 109 6.14 4.31 -3.46
N HIS A 110 7.42 4.00 -3.74
CA HIS A 110 7.79 3.33 -4.97
C HIS A 110 8.45 2.00 -4.67
N PRO A 111 8.16 0.95 -5.44
CA PRO A 111 8.92 -0.29 -5.30
C PRO A 111 10.34 -0.09 -5.82
N ALA A 112 11.23 -0.99 -5.39
CA ALA A 112 12.64 -0.81 -5.68
C ALA A 112 12.95 -0.85 -7.17
N ASP A 113 12.09 -1.49 -7.98
CA ASP A 113 12.36 -1.64 -9.41
C ASP A 113 11.67 -0.59 -10.27
N ILE A 114 11.07 0.43 -9.67
CA ILE A 114 10.59 1.58 -10.44
C ILE A 114 11.41 2.79 -9.99
N PRO A 115 12.25 3.36 -10.85
CA PRO A 115 13.04 4.54 -10.46
C PRO A 115 12.16 5.67 -9.92
N ASP A 116 12.53 6.19 -8.76
CA ASP A 116 11.78 7.25 -8.08
C ASP A 116 12.39 8.57 -8.52
N TYR A 117 12.04 8.97 -9.75
CA TYR A 117 12.60 10.13 -10.42
C TYR A 117 12.49 11.39 -9.56
N LEU A 118 11.35 11.59 -8.91
CA LEU A 118 11.18 12.82 -8.15
C LEU A 118 11.97 12.80 -6.83
N LYS A 119 12.07 11.65 -6.15
CA LYS A 119 12.95 11.57 -5.00
C LYS A 119 14.40 11.79 -5.42
N LEU A 120 14.81 11.17 -6.53
CA LEU A 120 16.19 11.25 -6.97
C LEU A 120 16.60 12.67 -7.36
N SER A 121 15.63 13.53 -7.66
CA SER A 121 15.93 14.89 -8.09
C SER A 121 16.47 15.75 -6.96
N PHE A 122 16.29 15.33 -5.71
CA PHE A 122 16.69 16.17 -4.59
C PHE A 122 18.19 16.02 -4.30
N PRO A 123 18.81 17.01 -3.63
CA PRO A 123 18.23 18.19 -2.98
C PRO A 123 17.75 19.30 -3.91
N GLU A 124 18.24 19.31 -5.15
CA GLU A 124 17.88 20.37 -6.09
C GLU A 124 16.38 20.44 -6.29
N GLY A 125 15.75 19.29 -6.56
CA GLY A 125 14.31 19.22 -6.66
C GLY A 125 13.80 19.19 -8.08
N PHE A 126 12.58 19.64 -8.25
CA PHE A 126 11.87 19.48 -9.52
C PHE A 126 10.80 20.56 -9.62
N LYS A 127 10.28 20.72 -10.82
CA LYS A 127 9.15 21.60 -11.09
C LYS A 127 8.05 20.77 -11.71
N TRP A 128 6.82 21.25 -11.58
CA TRP A 128 5.73 20.61 -12.30
C TRP A 128 4.76 21.65 -12.85
N GLU A 129 4.06 21.25 -13.90
CA GLU A 129 3.11 22.10 -14.60
C GLU A 129 1.90 21.25 -14.94
N ARG A 130 0.72 21.73 -14.60
CA ARG A 130 -0.50 20.92 -14.65
C ARG A 130 -1.62 21.71 -15.32
N VAL A 131 -2.44 21.00 -16.10
CA VAL A 131 -3.70 21.54 -16.60
C VAL A 131 -4.82 20.58 -16.21
N MET A 132 -5.86 21.11 -15.55
CA MET A 132 -7.07 20.37 -15.23
C MET A 132 -8.22 20.95 -16.05
N ASN A 133 -8.84 20.11 -16.87
CA ASN A 133 -9.98 20.50 -17.69
C ASN A 133 -11.23 19.86 -17.09
N PHE A 134 -12.10 20.68 -16.52
CA PHE A 134 -13.33 20.18 -15.90
C PHE A 134 -14.44 20.07 -16.95
N GLU A 135 -15.38 19.15 -16.69
CA GLU A 135 -16.35 18.79 -17.73
C GLU A 135 -17.26 19.95 -18.14
N ASP A 136 -17.45 20.96 -17.29
CA ASP A 136 -18.29 22.11 -17.63
C ASP A 136 -17.49 23.29 -18.20
N GLY A 137 -16.22 23.08 -18.54
CA GLY A 137 -15.43 24.10 -19.19
C GLY A 137 -14.49 24.87 -18.27
N GLY A 138 -14.61 24.72 -16.96
CA GLY A 138 -13.62 25.32 -16.08
C GLY A 138 -12.24 24.73 -16.31
N VAL A 139 -11.21 25.56 -16.14
CA VAL A 139 -9.82 25.12 -16.31
C VAL A 139 -8.99 25.61 -15.13
N VAL A 140 -8.13 24.74 -14.62
CA VAL A 140 -7.14 25.11 -13.61
C VAL A 140 -5.77 24.83 -14.20
N THR A 141 -4.91 25.85 -14.24
CA THR A 141 -3.53 25.68 -14.63
C THR A 141 -2.63 25.99 -13.45
N VAL A 142 -1.63 25.14 -13.24
CA VAL A 142 -0.78 25.22 -12.05
C VAL A 142 0.67 25.11 -12.47
N THR A 143 1.54 25.91 -11.85
CA THR A 143 2.98 25.68 -11.93
C THR A 143 3.52 25.61 -10.51
N GLN A 144 4.54 24.78 -10.31
CA GLN A 144 5.03 24.55 -8.97
C GLN A 144 6.54 24.33 -9.00
N ASP A 145 7.21 24.81 -7.95
CA ASP A 145 8.64 24.55 -7.74
C ASP A 145 8.82 23.85 -6.40
N SER A 146 9.58 22.76 -6.41
CA SER A 146 9.89 21.99 -5.21
C SER A 146 11.40 21.94 -5.00
N SER A 147 11.83 22.30 -3.80
CA SER A 147 13.24 22.30 -3.45
C SER A 147 13.38 21.77 -2.02
N LEU A 148 14.62 21.63 -1.58
CA LEU A 148 14.91 21.14 -0.24
C LEU A 148 15.85 22.14 0.39
N GLN A 149 15.45 22.72 1.51
CA GLN A 149 16.26 23.72 2.21
C GLN A 149 16.14 23.48 3.71
N ASP A 150 17.28 23.52 4.41
CA ASP A 150 17.29 23.36 5.86
C ASP A 150 16.58 22.10 6.31
N GLY A 151 16.76 21.02 5.54
CA GLY A 151 16.19 19.73 5.84
C GLY A 151 14.70 19.56 5.59
N GLU A 152 14.04 20.55 4.98
CA GLU A 152 12.60 20.50 4.73
C GLU A 152 12.34 20.78 3.25
N PHE A 153 11.27 20.19 2.73
CA PHE A 153 10.87 20.53 1.38
C PHE A 153 10.20 21.89 1.39
N ILE A 154 10.41 22.63 0.31
CA ILE A 154 9.83 23.96 0.12
C ILE A 154 9.07 23.94 -1.19
N TYR A 155 7.79 24.25 -1.13
CA TYR A 155 6.89 24.22 -2.28
C TYR A 155 6.40 25.64 -2.57
N LYS A 156 6.43 26.03 -3.84
CA LYS A 156 5.92 27.32 -4.25
C LYS A 156 4.98 27.08 -5.43
N VAL A 157 3.71 27.43 -5.26
CA VAL A 157 2.65 27.09 -6.20
C VAL A 157 2.04 28.37 -6.78
N LYS A 158 1.81 28.37 -8.09
CA LYS A 158 1.08 29.44 -8.75
C LYS A 158 -0.10 28.81 -9.48
N LEU A 159 -1.30 29.37 -9.29
CA LEU A 159 -2.49 28.70 -9.79
C LEU A 159 -3.41 29.71 -10.46
N ARG A 160 -4.01 29.31 -11.58
CA ARG A 160 -4.99 30.16 -12.25
C ARG A 160 -6.19 29.31 -12.68
N GLY A 161 -7.36 29.61 -12.14
CA GLY A 161 -8.59 28.95 -12.51
C GLY A 161 -9.45 29.92 -13.31
N THR A 162 -9.99 29.43 -14.42
CA THR A 162 -10.73 30.30 -15.33
C THR A 162 -11.97 29.59 -15.82
N ASN A 163 -12.98 30.40 -16.17
CA ASN A 163 -14.15 29.95 -16.92
C ASN A 163 -15.00 28.95 -16.17
N PHE A 164 -14.99 28.98 -14.85
CA PHE A 164 -15.95 28.18 -14.10
C PHE A 164 -17.33 28.83 -14.18
N PRO A 165 -18.37 28.08 -14.55
CA PRO A 165 -19.70 28.66 -14.61
C PRO A 165 -20.09 29.25 -13.27
N SER A 166 -20.69 30.46 -13.30
CA SER A 166 -21.04 31.13 -12.06
C SER A 166 -22.01 30.32 -11.22
N ASP A 167 -22.87 29.54 -11.88
CA ASP A 167 -23.86 28.70 -11.21
C ASP A 167 -23.40 27.25 -11.09
N GLY A 168 -22.13 26.97 -11.36
CA GLY A 168 -21.64 25.61 -11.30
C GLY A 168 -21.21 25.22 -9.91
N PRO A 169 -20.89 23.93 -9.72
CA PRO A 169 -20.60 23.43 -8.37
C PRO A 169 -19.32 23.97 -7.76
N VAL A 170 -18.37 24.43 -8.58
CA VAL A 170 -17.15 25.00 -8.01
C VAL A 170 -17.44 26.38 -7.43
N MET A 171 -18.06 27.27 -8.21
CA MET A 171 -18.29 28.62 -7.72
C MET A 171 -19.40 28.66 -6.68
N GLN A 172 -20.27 27.65 -6.65
CA GLN A 172 -21.33 27.57 -5.66
C GLN A 172 -20.96 26.73 -4.44
N LYS A 173 -19.74 26.20 -4.37
CA LYS A 173 -19.27 25.42 -3.22
C LYS A 173 -20.18 24.21 -2.96
N LYS A 174 -20.43 23.43 -4.01
CA LYS A 174 -21.32 22.29 -3.94
C LYS A 174 -20.59 20.96 -4.11
N THR A 175 -19.31 20.92 -3.77
CA THR A 175 -18.53 19.70 -3.93
C THR A 175 -18.23 19.08 -2.57
N MET A 176 -17.83 17.81 -2.60
CA MET A 176 -17.73 17.01 -1.38
C MET A 176 -16.58 16.01 -1.49
N GLY A 177 -15.43 16.44 -2.01
CA GLY A 177 -14.22 15.63 -1.97
C GLY A 177 -14.03 14.76 -3.20
N TRP A 178 -12.79 14.35 -3.41
CA TRP A 178 -12.39 13.57 -4.57
C TRP A 178 -12.52 12.07 -4.30
N GLU A 179 -12.97 11.34 -5.32
CA GLU A 179 -12.81 9.89 -5.27
C GLU A 179 -11.33 9.55 -5.44
N ALA A 180 -10.95 8.36 -4.96
CA ALA A 180 -9.59 7.88 -5.20
C ALA A 180 -9.30 7.87 -6.69
N SER A 181 -8.04 8.14 -7.04
CA SER A 181 -7.63 8.29 -8.43
C SER A 181 -6.46 7.38 -8.73
N THR A 182 -6.23 7.18 -10.02
CA THR A 182 -5.04 6.49 -10.52
C THR A 182 -4.39 7.37 -11.58
N GLU A 183 -3.15 7.79 -11.33
CA GLU A 183 -2.40 8.59 -12.28
C GLU A 183 -1.54 7.67 -13.15
N ARG A 184 -1.67 7.80 -14.46
CA ARG A 184 -0.90 6.99 -15.40
C ARG A 184 0.34 7.77 -15.79
N MET A 185 1.51 7.23 -15.43
CA MET A 185 2.78 7.90 -15.64
C MET A 185 3.48 7.34 -16.87
N TYR A 186 4.20 8.22 -17.59
CA TYR A 186 4.99 7.75 -18.72
C TYR A 186 6.06 8.79 -19.06
N PRO A 187 7.18 8.37 -19.65
CA PRO A 187 8.21 9.35 -20.03
C PRO A 187 7.84 10.02 -21.35
N GLY A 188 7.91 11.35 -21.38
CA GLY A 188 7.62 12.07 -22.60
C GLY A 188 8.13 13.49 -22.51
N ASP A 189 8.42 14.08 -23.66
CA ASP A 189 8.91 15.46 -23.71
C ASP A 189 7.75 16.41 -23.46
N GLY A 190 7.81 17.15 -22.36
CA GLY A 190 6.79 18.14 -22.05
C GLY A 190 7.24 19.58 -22.12
N ASP A 191 8.43 19.86 -22.64
CA ASP A 191 8.95 21.23 -22.62
C ASP A 191 9.73 21.58 -23.88
N GLY A 192 9.66 20.77 -24.93
CA GLY A 192 10.21 21.12 -26.22
C GLY A 192 11.70 21.07 -26.35
N ASP A 193 12.43 20.50 -25.39
CA ASP A 193 13.88 20.41 -25.56
C ASP A 193 14.31 19.16 -26.30
N GLY A 194 13.38 18.25 -26.60
CA GLY A 194 13.70 16.98 -27.21
C GLY A 194 14.00 15.86 -26.24
N GLU A 195 14.16 16.16 -24.95
CA GLU A 195 14.43 15.14 -23.95
C GLU A 195 13.17 14.85 -23.16
N ALA A 196 12.96 13.58 -22.82
CA ALA A 196 11.80 13.18 -22.05
C ALA A 196 11.89 13.67 -20.60
N GLU A 197 10.75 14.08 -20.07
CA GLU A 197 10.53 14.28 -18.65
C GLU A 197 9.48 13.25 -18.21
N LEU A 198 8.94 13.40 -17.00
CA LEU A 198 7.92 12.47 -16.51
C LEU A 198 6.53 13.10 -16.66
N LYS A 199 5.63 12.41 -17.36
CA LYS A 199 4.27 12.91 -17.53
C LYS A 199 3.27 12.03 -16.78
N GLY A 200 2.18 12.64 -16.36
CA GLY A 200 1.09 11.91 -15.74
C GLY A 200 -0.23 12.37 -16.30
N GLU A 201 -1.17 11.42 -16.40
CA GLU A 201 -2.55 11.69 -16.79
C GLU A 201 -3.50 11.08 -15.78
N ILE A 202 -4.54 11.84 -15.42
CA ILE A 202 -5.51 11.37 -14.43
C ILE A 202 -6.92 11.72 -14.91
N LYS A 203 -7.84 10.76 -14.75
CA LYS A 203 -9.27 11.02 -14.83
C LYS A 203 -9.77 11.10 -13.40
N MET A 204 -10.15 12.30 -12.96
CA MET A 204 -10.54 12.55 -11.59
C MET A 204 -12.03 12.82 -11.49
N ARG A 205 -12.61 12.47 -10.35
CA ARG A 205 -14.05 12.58 -10.14
C ARG A 205 -14.30 13.19 -8.77
N LEU A 206 -15.01 14.30 -8.75
CA LEU A 206 -15.39 15.02 -7.53
C LEU A 206 -16.81 14.63 -7.18
N LYS A 207 -17.06 14.31 -5.91
CA LYS A 207 -18.41 14.06 -5.42
C LYS A 207 -19.17 15.38 -5.25
N LEU A 208 -20.46 15.37 -5.55
CA LEU A 208 -21.30 16.56 -5.40
C LEU A 208 -22.11 16.47 -4.11
N LYS A 209 -22.20 17.59 -3.40
CA LYS A 209 -22.92 17.64 -2.13
C LYS A 209 -24.36 17.22 -2.29
N ASP A 210 -25.00 17.63 -3.37
CA ASP A 210 -26.43 17.39 -3.56
C ASP A 210 -26.70 16.09 -4.29
N GLY A 211 -25.67 15.26 -4.49
CA GLY A 211 -25.80 13.96 -5.11
C GLY A 211 -25.35 14.00 -6.55
N GLY A 212 -24.38 13.16 -6.90
CA GLY A 212 -23.84 13.09 -8.23
C GLY A 212 -22.32 13.24 -8.22
N HIS A 213 -21.75 13.40 -9.41
CA HIS A 213 -20.31 13.51 -9.57
C HIS A 213 -20.00 14.54 -10.65
N TYR A 214 -18.73 14.97 -10.67
CA TYR A 214 -18.28 16.07 -11.53
C TYR A 214 -16.83 15.76 -11.88
N ASP A 215 -16.53 15.68 -13.18
CA ASP A 215 -15.30 15.07 -13.67
C ASP A 215 -14.29 16.10 -14.15
N ALA A 216 -13.01 15.76 -14.01
CA ALA A 216 -11.93 16.55 -14.59
C ALA A 216 -10.92 15.62 -15.24
N GLU A 217 -10.27 16.11 -16.29
CA GLU A 217 -9.19 15.43 -16.98
C GLU A 217 -7.92 16.23 -16.73
N VAL A 218 -6.87 15.56 -16.24
CA VAL A 218 -5.69 16.25 -15.74
C VAL A 218 -4.44 15.73 -16.46
N LYS A 219 -3.57 16.65 -16.87
CA LYS A 219 -2.28 16.32 -17.45
C LYS A 219 -1.22 17.12 -16.71
N THR A 220 -0.16 16.45 -16.27
CA THR A 220 0.93 17.09 -15.54
C THR A 220 2.26 16.65 -16.13
N THR A 221 3.21 17.58 -16.23
CA THR A 221 4.60 17.25 -16.54
C THR A 221 5.45 17.56 -15.30
N TYR A 222 6.28 16.60 -14.92
CA TYR A 222 7.17 16.71 -13.76
C TYR A 222 8.59 16.74 -14.31
N MET A 223 9.38 17.71 -13.87
CA MET A 223 10.67 18.01 -14.51
C MET A 223 11.76 18.12 -13.46
N ALA A 224 12.66 17.14 -13.42
CA ALA A 224 13.75 17.18 -12.46
C ALA A 224 14.74 18.31 -12.81
N LYS A 225 15.34 18.90 -11.77
CA LYS A 225 16.29 19.99 -11.97
C LYS A 225 17.70 19.53 -12.30
N LYS A 226 17.98 18.23 -12.23
CA LYS A 226 19.26 17.68 -12.61
C LYS A 226 19.00 16.37 -13.33
N PRO A 227 19.99 15.80 -14.02
CA PRO A 227 19.77 14.55 -14.77
C PRO A 227 19.60 13.39 -13.80
N VAL A 228 18.44 12.75 -13.85
CA VAL A 228 18.19 11.56 -13.06
C VAL A 228 17.41 10.55 -13.88
N GLN A 229 17.45 9.30 -13.45
CA GLN A 229 16.89 8.19 -14.22
C GLN A 229 15.37 8.27 -14.26
N LEU A 230 14.80 8.24 -15.48
CA LEU A 230 13.36 8.19 -15.67
C LEU A 230 12.88 6.74 -15.60
N PRO A 231 11.70 6.50 -15.03
CA PRO A 231 11.11 5.17 -15.12
C PRO A 231 10.44 4.98 -16.48
N GLY A 232 10.10 3.73 -16.78
CA GLY A 232 9.11 3.45 -17.80
C GLY A 232 7.72 3.76 -17.28
N ALA A 233 6.72 3.44 -18.10
CA ALA A 233 5.34 3.67 -17.72
C ALA A 233 4.98 2.87 -16.47
N TYR A 234 4.18 3.48 -15.60
CA TYR A 234 3.65 2.87 -14.40
C TYR A 234 2.45 3.69 -13.94
N LYS A 235 1.86 3.30 -12.83
CA LYS A 235 0.68 3.99 -12.32
C LYS A 235 0.86 4.31 -10.85
N THR A 236 0.19 5.37 -10.40
CA THR A 236 0.18 5.74 -8.99
C THR A 236 -1.24 5.82 -8.50
N ASP A 237 -1.54 5.06 -7.45
CA ASP A 237 -2.84 5.10 -6.81
C ASP A 237 -2.81 6.14 -5.69
N ILE A 238 -3.76 7.07 -5.73
CA ILE A 238 -3.77 8.25 -4.85
C ILE A 238 -5.14 8.39 -4.21
N LYS A 239 -5.17 8.69 -2.92
CA LYS A 239 -6.41 9.05 -2.25
C LYS A 239 -6.15 10.21 -1.32
N LEU A 240 -6.89 11.30 -1.53
CA LEU A 240 -6.74 12.54 -0.77
C LEU A 240 -8.02 12.79 0.01
N ASP A 241 -7.88 13.00 1.31
CA ASP A 241 -9.02 13.27 2.18
C ASP A 241 -8.84 14.62 2.86
N ILE A 242 -9.91 15.40 2.93
CA ILE A 242 -9.98 16.53 3.83
C ILE A 242 -10.36 15.98 5.21
N THR A 243 -9.43 16.06 6.17
CA THR A 243 -9.64 15.44 7.47
C THR A 243 -10.25 16.40 8.48
N SER A 244 -10.07 17.71 8.30
CA SER A 244 -10.79 18.68 9.12
C SER A 244 -10.74 20.03 8.42
N HIS A 245 -11.67 20.90 8.79
CA HIS A 245 -11.70 22.23 8.22
C HIS A 245 -12.60 23.08 9.10
N ASN A 246 -12.29 24.37 9.17
CA ASN A 246 -13.25 25.27 9.77
C ASN A 246 -14.39 25.54 8.81
N GLU A 247 -15.42 26.26 9.27
CA GLU A 247 -16.67 26.28 8.52
C GLU A 247 -16.50 26.89 7.14
N ASP A 248 -15.61 27.86 6.99
CA ASP A 248 -15.45 28.56 5.72
C ASP A 248 -14.19 28.14 4.97
N TYR A 249 -13.56 27.04 5.37
CA TYR A 249 -12.41 26.49 4.65
C TYR A 249 -11.25 27.47 4.55
N THR A 250 -11.04 28.26 5.59
CA THR A 250 -9.84 29.10 5.68
C THR A 250 -8.72 28.44 6.48
N ILE A 251 -9.01 27.37 7.22
CA ILE A 251 -8.01 26.52 7.85
C ILE A 251 -8.42 25.10 7.54
N VAL A 252 -7.57 24.37 6.83
CA VAL A 252 -7.94 23.07 6.26
C VAL A 252 -6.79 22.08 6.48
N GLU A 253 -7.12 20.87 6.89
CA GLU A 253 -6.16 19.79 7.02
C GLU A 253 -6.48 18.69 6.01
N GLN A 254 -5.42 18.18 5.36
CA GLN A 254 -5.52 17.15 4.34
C GLN A 254 -4.65 15.97 4.70
N TYR A 255 -5.01 14.80 4.19
CA TYR A 255 -4.21 13.60 4.30
C TYR A 255 -4.19 12.96 2.92
N GLU A 256 -3.02 12.49 2.49
CA GLU A 256 -2.92 11.78 1.22
C GLU A 256 -2.07 10.53 1.37
N ARG A 257 -2.52 9.45 0.73
CA ARG A 257 -1.73 8.22 0.59
C ARG A 257 -1.56 7.97 -0.90
N ALA A 258 -0.33 7.72 -1.32
CA ALA A 258 0.00 7.53 -2.73
C ALA A 258 1.04 6.44 -2.88
N GLU A 259 0.83 5.53 -3.83
CA GLU A 259 1.73 4.42 -4.04
C GLU A 259 1.87 4.10 -5.52
N GLY A 260 3.11 4.03 -5.98
CA GLY A 260 3.39 3.64 -7.35
C GLY A 260 3.42 2.13 -7.49
N ARG A 261 2.95 1.63 -8.63
CA ARG A 261 2.94 0.20 -8.89
C ARG A 261 3.09 -0.02 -10.38
N HIS A 262 3.45 -1.25 -10.74
CA HIS A 262 3.53 -1.60 -12.15
C HIS A 262 2.15 -1.53 -12.80
N SER A 263 2.15 -1.28 -14.10
CA SER A 263 0.91 -1.11 -14.85
C SER A 263 -0.01 -2.32 -14.77
N VAL B 44 21.63 -24.23 14.45
CA VAL B 44 21.06 -22.94 14.87
C VAL B 44 19.56 -23.05 15.14
N ILE B 45 18.93 -24.09 14.60
CA ILE B 45 17.52 -24.33 14.83
C ILE B 45 17.41 -25.37 15.94
N LYS B 46 17.10 -24.91 17.15
CA LYS B 46 16.98 -25.76 18.32
C LYS B 46 15.63 -26.47 18.33
N GLU B 47 15.49 -27.44 19.24
CA GLU B 47 14.24 -28.17 19.37
C GLU B 47 13.10 -27.31 19.85
N PHE B 48 13.39 -26.20 20.52
CA PHE B 48 12.42 -25.18 20.88
C PHE B 48 12.90 -23.86 20.31
N MET B 49 12.03 -23.15 19.58
CA MET B 49 12.40 -21.88 18.98
C MET B 49 11.25 -20.89 19.15
N ARG B 50 11.60 -19.66 19.52
CA ARG B 50 10.65 -18.56 19.57
C ARG B 50 10.77 -17.70 18.30
N PHE B 51 9.72 -16.93 18.03
CA PHE B 51 9.76 -15.99 16.93
C PHE B 51 9.06 -14.69 17.31
N LYS B 52 9.41 -13.63 16.59
CA LYS B 52 8.72 -12.35 16.65
C LYS B 52 8.25 -12.02 15.24
N VAL B 53 7.08 -11.42 15.12
CA VAL B 53 6.52 -11.12 13.81
C VAL B 53 5.92 -9.70 13.82
N ARG B 54 6.05 -9.02 12.68
CA ARG B 54 5.36 -7.77 12.44
C ARG B 54 4.72 -7.86 11.07
N MET B 55 3.49 -7.40 10.96
CA MET B 55 2.80 -7.32 9.68
C MET B 55 2.28 -5.91 9.47
N GLU B 56 2.52 -5.36 8.29
CA GLU B 56 1.85 -4.14 7.85
C GLU B 56 1.03 -4.50 6.64
N GLY B 57 -0.22 -4.04 6.62
CA GLY B 57 -1.02 -4.43 5.48
C GLY B 57 -2.20 -3.51 5.26
N SER B 58 -2.94 -3.81 4.21
CA SER B 58 -4.23 -3.18 3.97
C SER B 58 -5.14 -4.18 3.32
N VAL B 59 -6.42 -4.08 3.64
CA VAL B 59 -7.46 -4.89 3.00
C VAL B 59 -8.56 -3.94 2.57
N ASN B 60 -8.89 -3.95 1.28
CA ASN B 60 -9.88 -3.02 0.71
C ASN B 60 -9.57 -1.58 1.12
N GLY B 61 -8.30 -1.25 1.17
CA GLY B 61 -7.86 0.09 1.53
C GLY B 61 -7.76 0.38 3.01
N HIS B 62 -8.20 -0.54 3.87
CA HIS B 62 -8.11 -0.33 5.31
C HIS B 62 -6.72 -0.73 5.79
N GLU B 63 -5.94 0.23 6.28
CA GLU B 63 -4.56 0.00 6.69
C GLU B 63 -4.48 -0.43 8.15
N PHE B 64 -3.51 -1.30 8.44
CA PHE B 64 -3.37 -1.80 9.80
C PHE B 64 -1.94 -2.28 10.03
N GLU B 65 -1.62 -2.48 11.29
CA GLU B 65 -0.33 -3.05 11.68
C GLU B 65 -0.58 -4.02 12.82
N ILE B 66 0.17 -5.12 12.81
CA ILE B 66 0.08 -6.18 13.80
C ILE B 66 1.47 -6.51 14.30
N GLU B 67 1.61 -6.73 15.60
CA GLU B 67 2.84 -7.21 16.21
C GLU B 67 2.54 -8.48 16.98
N GLY B 68 3.43 -9.46 16.92
CA GLY B 68 3.17 -10.72 17.57
C GLY B 68 4.42 -11.45 17.98
N GLU B 69 4.19 -12.55 18.69
CA GLU B 69 5.25 -13.41 19.19
C GLU B 69 4.73 -14.83 19.14
N GLY B 70 5.65 -15.77 18.93
CA GLY B 70 5.27 -17.15 18.82
C GLY B 70 6.38 -18.04 19.32
N GLU B 71 6.07 -19.33 19.37
CA GLU B 71 7.05 -20.31 19.82
C GLU B 71 6.59 -21.67 19.33
N GLY B 72 7.52 -22.61 19.27
CA GLY B 72 7.13 -23.94 18.87
C GLY B 72 8.30 -24.88 18.82
N ARG B 73 8.04 -26.05 18.27
CA ARG B 73 9.01 -27.13 18.18
C ARG B 73 9.22 -27.47 16.71
N PRO B 74 10.25 -26.90 16.06
CA PRO B 74 10.35 -26.98 14.61
C PRO B 74 10.45 -28.38 14.04
N TYR B 75 11.06 -29.32 14.78
CA TYR B 75 11.19 -30.68 14.29
C TYR B 75 9.97 -31.54 14.60
N GLU B 76 9.06 -31.04 15.44
CA GLU B 76 7.80 -31.72 15.71
C GLU B 76 6.64 -31.16 14.90
N GLY B 77 6.84 -30.02 14.23
CA GLY B 77 5.81 -29.47 13.38
C GLY B 77 4.72 -28.70 14.08
N THR B 78 4.96 -28.23 15.31
CA THR B 78 3.92 -27.56 16.10
C THR B 78 4.38 -26.17 16.51
N GLN B 79 3.44 -25.23 16.57
CA GLN B 79 3.77 -23.87 16.97
C GLN B 79 2.51 -23.14 17.38
N THR B 80 2.70 -22.12 18.20
CA THR B 80 1.64 -21.20 18.59
C THR B 80 2.10 -19.76 18.32
N ALA B 81 1.12 -18.86 18.24
CA ALA B 81 1.41 -17.44 18.04
C ALA B 81 0.37 -16.63 18.80
N LYS B 82 0.80 -15.47 19.30
CA LYS B 82 -0.10 -14.49 19.88
C LYS B 82 0.11 -13.18 19.14
N LEU B 83 -0.94 -12.70 18.48
CA LEU B 83 -0.89 -11.50 17.65
C LEU B 83 -1.70 -10.38 18.28
N LYS B 84 -1.23 -9.14 18.12
CA LYS B 84 -1.92 -7.96 18.64
C LYS B 84 -2.04 -6.93 17.54
N VAL B 85 -3.25 -6.42 17.34
CA VAL B 85 -3.49 -5.34 16.37
C VAL B 85 -3.10 -4.02 17.01
N THR B 86 -2.01 -3.43 16.56
CA THR B 86 -1.45 -2.22 17.18
C THR B 86 -1.87 -0.94 16.46
N LYS B 87 -2.38 -1.04 15.23
CA LYS B 87 -2.81 0.15 14.50
C LYS B 87 -3.90 -0.27 13.53
N GLY B 88 -4.96 0.53 13.41
CA GLY B 88 -6.01 0.24 12.46
C GLY B 88 -7.06 -0.74 12.93
N GLY B 89 -7.12 -1.03 14.23
CA GLY B 89 -8.10 -1.93 14.79
C GLY B 89 -9.28 -1.21 15.43
N PRO B 90 -10.34 -1.96 15.77
CA PRO B 90 -10.52 -3.38 15.40
C PRO B 90 -10.69 -3.53 13.90
N LEU B 91 -10.13 -4.61 13.36
CA LEU B 91 -10.06 -4.75 11.90
C LEU B 91 -11.46 -4.85 11.31
N PRO B 92 -11.75 -4.15 10.23
CA PRO B 92 -13.09 -4.22 9.63
C PRO B 92 -13.23 -5.33 8.60
N PHE B 93 -12.59 -6.47 8.86
CA PHE B 93 -12.66 -7.64 7.97
C PHE B 93 -12.28 -8.86 8.80
N ALA B 94 -12.52 -10.05 8.21
CA ALA B 94 -12.32 -11.31 8.91
C ALA B 94 -10.85 -11.56 9.23
N TRP B 95 -10.58 -11.91 10.49
CA TRP B 95 -9.23 -12.33 10.89
C TRP B 95 -8.70 -13.47 10.04
N ASP B 96 -9.58 -14.37 9.59
CA ASP B 96 -9.14 -15.61 8.97
C ASP B 96 -8.30 -15.39 7.73
N ILE B 97 -8.47 -14.27 7.01
CA ILE B 97 -7.62 -14.06 5.84
C ILE B 97 -6.17 -13.76 6.24
N LEU B 98 -5.96 -13.33 7.47
CA LEU B 98 -4.60 -13.04 7.94
C LEU B 98 -3.93 -14.25 8.58
N SER B 99 -4.70 -15.19 9.14
CA SER B 99 -4.09 -16.23 9.97
C SER B 99 -3.04 -17.07 9.25
N PRO B 100 -3.19 -17.47 7.99
CA PRO B 100 -2.13 -18.26 7.34
C PRO B 100 -0.87 -17.46 7.02
N GLN B 101 -0.84 -16.15 7.24
CA GLN B 101 0.38 -15.39 6.97
C GLN B 101 1.29 -15.29 8.18
N PHE B 102 0.83 -15.68 9.36
CA PHE B 102 1.66 -15.62 10.56
C PHE B 102 2.46 -16.90 10.84
N1 CRQ B 103 2.04 -18.00 10.22
CA1 CRQ B 103 1.47 -19.13 9.99
CB1 CRQ B 103 0.72 -19.82 11.10
CG1 CRQ B 103 1.51 -19.69 12.41
C1 CRQ B 103 1.51 -19.71 8.64
N2 CRQ B 103 0.67 -20.66 8.29
N3 CRQ B 103 2.37 -19.38 7.60
C2 CRQ B 103 2.00 -20.15 6.56
O2 CRQ B 103 2.49 -20.16 5.44
CA2 CRQ B 103 0.88 -20.99 7.00
CA3 CRQ B 103 3.42 -18.35 7.50
CB2 CRQ B 103 0.26 -21.92 6.18
CG2 CRQ B 103 -1.11 -22.44 6.23
CD1 CRQ B 103 -1.96 -22.28 7.34
CD2 CRQ B 103 -1.56 -23.16 5.11
CE1 CRQ B 103 -3.21 -22.83 7.31
CE2 CRQ B 103 -2.81 -23.70 5.08
CZ CRQ B 103 -3.65 -23.54 6.18
OH CRQ B 103 -4.90 -24.09 6.16
OE1 CRQ B 103 -0.54 -20.06 13.53
C3 CRQ B 103 4.71 -18.50 8.27
O3 CRQ B 103 5.57 -17.63 8.21
CD3 CRQ B 103 0.66 -20.05 13.61
NE1 CRQ B 103 1.27 -20.38 14.77
N SER B 104 4.97 -19.72 8.71
CA SER B 104 6.04 -19.97 9.64
C SER B 104 6.55 -21.38 9.34
N LYS B 105 7.05 -21.55 8.11
CA LYS B 105 7.30 -22.88 7.56
C LYS B 105 8.61 -23.48 8.02
N ALA B 106 9.41 -22.77 8.84
CA ALA B 106 10.51 -23.44 9.51
C ALA B 106 10.03 -24.50 10.49
N TYR B 107 8.75 -24.47 10.87
CA TYR B 107 8.19 -25.41 11.85
C TYR B 107 7.36 -26.49 11.19
N VAL B 108 7.81 -27.03 10.07
CA VAL B 108 7.16 -28.16 9.42
C VAL B 108 7.99 -29.40 9.72
N LYS B 109 7.36 -30.44 10.26
CA LYS B 109 8.06 -31.69 10.48
C LYS B 109 8.34 -32.36 9.15
N HIS B 110 9.61 -32.67 8.87
CA HIS B 110 10.00 -33.34 7.64
C HIS B 110 10.67 -34.67 7.95
N PRO B 111 10.35 -35.73 7.22
CA PRO B 111 11.14 -36.96 7.35
C PRO B 111 12.53 -36.75 6.79
N ALA B 112 13.46 -37.59 7.23
CA ALA B 112 14.85 -37.40 6.85
C ALA B 112 15.08 -37.50 5.34
N ASP B 113 14.19 -38.17 4.60
CA ASP B 113 14.38 -38.36 3.17
C ASP B 113 13.70 -37.30 2.31
N ILE B 114 13.18 -36.23 2.92
CA ILE B 114 12.73 -35.07 2.16
C ILE B 114 13.56 -33.88 2.61
N PRO B 115 14.42 -33.31 1.76
CA PRO B 115 15.25 -32.17 2.18
C PRO B 115 14.39 -31.03 2.71
N ASP B 116 14.77 -30.53 3.90
CA ASP B 116 14.03 -29.47 4.58
C ASP B 116 14.67 -28.13 4.19
N TYR B 117 14.34 -27.71 2.96
CA TYR B 117 14.95 -26.55 2.32
C TYR B 117 14.87 -25.32 3.20
N LEU B 118 13.73 -25.08 3.85
CA LEU B 118 13.58 -23.86 4.61
C LEU B 118 14.36 -23.89 5.91
N LYS B 119 14.43 -25.05 6.58
CA LYS B 119 15.33 -25.13 7.73
C LYS B 119 16.78 -24.97 7.32
N LEU B 120 17.19 -25.63 6.23
CA LEU B 120 18.56 -25.56 5.75
C LEU B 120 18.99 -24.15 5.42
N SER B 121 18.03 -23.27 5.13
CA SER B 121 18.37 -21.91 4.72
C SER B 121 18.91 -21.06 5.87
N PHE B 122 18.70 -21.47 7.11
CA PHE B 122 19.16 -20.67 8.24
C PHE B 122 20.64 -20.91 8.52
N PRO B 123 21.32 -19.95 9.19
CA PRO B 123 20.81 -18.73 9.85
C PRO B 123 20.37 -17.59 8.92
N GLU B 124 20.83 -17.60 7.66
CA GLU B 124 20.47 -16.52 6.74
C GLU B 124 18.96 -16.40 6.61
N GLY B 125 18.28 -17.49 6.31
CA GLY B 125 16.84 -17.49 6.23
C GLY B 125 16.32 -17.51 4.81
N PHE B 126 15.08 -17.06 4.66
CA PHE B 126 14.38 -17.18 3.38
C PHE B 126 13.34 -16.10 3.27
N LYS B 127 12.81 -15.94 2.07
CA LYS B 127 11.69 -15.05 1.81
C LYS B 127 10.60 -15.86 1.15
N TRP B 128 9.37 -15.37 1.22
CA TRP B 128 8.30 -16.00 0.47
C TRP B 128 7.35 -14.94 -0.10
N GLU B 129 6.67 -15.32 -1.18
CA GLU B 129 5.70 -14.45 -1.85
C GLU B 129 4.49 -15.30 -2.20
N ARG B 130 3.31 -14.82 -1.86
CA ARG B 130 2.07 -15.59 -1.96
C ARG B 130 0.98 -14.78 -2.64
N VAL B 131 0.15 -15.47 -3.42
CA VAL B 131 -1.10 -14.91 -3.94
C VAL B 131 -2.24 -15.85 -3.56
N MET B 132 -3.27 -15.32 -2.91
CA MET B 132 -4.51 -16.07 -2.64
C MET B 132 -5.62 -15.48 -3.49
N ASN B 133 -6.24 -16.31 -4.31
CA ASN B 133 -7.39 -15.90 -5.13
C ASN B 133 -8.63 -16.55 -4.53
N PHE B 134 -9.51 -15.74 -3.95
CA PHE B 134 -10.75 -16.24 -3.37
C PHE B 134 -11.85 -16.32 -4.45
N GLU B 135 -12.83 -17.19 -4.20
CA GLU B 135 -13.81 -17.55 -5.23
C GLU B 135 -14.69 -16.38 -5.67
N ASP B 136 -14.88 -15.37 -4.82
CA ASP B 136 -15.70 -14.22 -5.15
C ASP B 136 -14.90 -13.04 -5.68
N GLY B 137 -13.63 -13.24 -6.01
CA GLY B 137 -12.82 -12.21 -6.63
C GLY B 137 -11.89 -11.46 -5.70
N GLY B 138 -12.00 -11.67 -4.39
CA GLY B 138 -10.99 -11.10 -3.50
C GLY B 138 -9.62 -11.69 -3.76
N VAL B 139 -8.58 -10.86 -3.59
CA VAL B 139 -7.20 -11.30 -3.74
C VAL B 139 -6.38 -10.83 -2.55
N VAL B 140 -5.52 -11.70 -2.04
CA VAL B 140 -4.54 -11.34 -1.01
C VAL B 140 -3.16 -11.64 -1.57
N THR B 141 -2.29 -10.64 -1.60
CA THR B 141 -0.90 -10.84 -1.95
C THR B 141 -0.03 -10.54 -0.73
N VAL B 142 0.95 -11.40 -0.50
CA VAL B 142 1.79 -11.34 0.69
C VAL B 142 3.25 -11.47 0.29
N THR B 143 4.12 -10.67 0.91
CA THR B 143 5.55 -10.91 0.85
C THR B 143 6.07 -11.00 2.27
N GLN B 144 7.10 -11.81 2.47
CA GLN B 144 7.57 -12.06 3.82
C GLN B 144 9.06 -12.30 3.81
N ASP B 145 9.74 -11.82 4.85
CA ASP B 145 11.15 -12.09 5.10
C ASP B 145 11.30 -12.80 6.43
N SER B 146 12.08 -13.89 6.45
CA SER B 146 12.34 -14.67 7.64
C SER B 146 13.84 -14.70 7.89
N SER B 147 14.25 -14.28 9.07
CA SER B 147 15.66 -14.23 9.44
C SER B 147 15.81 -14.76 10.85
N LEU B 148 17.03 -14.77 11.34
CA LEU B 148 17.33 -15.27 12.68
C LEU B 148 18.14 -14.23 13.41
N GLN B 149 17.72 -13.88 14.62
CA GLN B 149 18.39 -12.85 15.40
C GLN B 149 18.23 -13.18 16.87
N ASP B 150 19.33 -13.12 17.63
CA ASP B 150 19.31 -13.38 19.07
C ASP B 150 18.69 -14.74 19.38
N GLY B 151 18.95 -15.72 18.50
CA GLY B 151 18.43 -17.06 18.70
C GLY B 151 16.94 -17.23 18.43
N GLU B 152 16.29 -16.23 17.85
CA GLU B 152 14.85 -16.29 17.57
C GLU B 152 14.63 -15.96 16.10
N PHE B 153 13.58 -16.54 15.54
CA PHE B 153 13.19 -16.19 14.19
C PHE B 153 12.55 -14.81 14.19
N ILE B 154 12.81 -14.05 13.12
CA ILE B 154 12.24 -12.72 12.93
C ILE B 154 11.47 -12.75 11.61
N TYR B 155 10.18 -12.42 11.67
CA TYR B 155 9.29 -12.44 10.51
C TYR B 155 8.80 -11.02 10.22
N LYS B 156 8.89 -10.61 8.96
CA LYS B 156 8.39 -9.30 8.53
C LYS B 156 7.46 -9.54 7.36
N VAL B 157 6.19 -9.19 7.53
CA VAL B 157 5.14 -9.51 6.56
C VAL B 157 4.57 -8.22 5.99
N LYS B 158 4.37 -8.19 4.67
CA LYS B 158 3.64 -7.13 4.01
C LYS B 158 2.46 -7.76 3.29
N LEU B 159 1.26 -7.20 3.48
CA LEU B 159 0.05 -7.83 2.95
C LEU B 159 -0.84 -6.81 2.26
N ARG B 160 -1.41 -7.17 1.10
CA ARG B 160 -2.39 -6.34 0.42
C ARG B 160 -3.58 -7.19 -0.02
N GLY B 161 -4.75 -6.92 0.53
CA GLY B 161 -6.00 -7.54 0.09
C GLY B 161 -6.84 -6.54 -0.68
N THR B 162 -7.40 -6.99 -1.81
CA THR B 162 -8.14 -6.11 -2.69
C THR B 162 -9.37 -6.81 -3.23
N ASN B 163 -10.35 -5.99 -3.61
CA ASN B 163 -11.54 -6.43 -4.36
C ASN B 163 -12.40 -7.44 -3.59
N PHE B 164 -12.40 -7.36 -2.27
CA PHE B 164 -13.35 -8.16 -1.53
C PHE B 164 -14.74 -7.51 -1.61
N PRO B 165 -15.77 -8.25 -2.03
CA PRO B 165 -17.11 -7.65 -2.10
C PRO B 165 -17.53 -7.10 -0.75
N SER B 166 -18.13 -5.90 -0.77
CA SER B 166 -18.48 -5.24 0.49
C SER B 166 -19.53 -6.03 1.27
N ASP B 167 -20.34 -6.81 0.57
CA ASP B 167 -21.34 -7.66 1.20
C ASP B 167 -20.86 -9.10 1.37
N GLY B 168 -19.59 -9.37 1.07
CA GLY B 168 -19.08 -10.72 1.13
C GLY B 168 -18.68 -11.12 2.52
N PRO B 169 -18.35 -12.40 2.70
CA PRO B 169 -18.08 -12.92 4.05
C PRO B 169 -16.83 -12.36 4.70
N VAL B 170 -15.86 -11.90 3.92
CA VAL B 170 -14.64 -11.35 4.52
C VAL B 170 -14.92 -9.97 5.12
N MET B 171 -15.53 -9.08 4.33
CA MET B 171 -15.83 -7.74 4.83
C MET B 171 -16.96 -7.75 5.85
N GLN B 172 -17.82 -8.77 5.84
CA GLN B 172 -18.91 -8.86 6.81
C GLN B 172 -18.56 -9.71 8.03
N LYS B 173 -17.33 -10.23 8.11
CA LYS B 173 -16.90 -11.04 9.25
C LYS B 173 -17.81 -12.25 9.46
N LYS B 174 -18.02 -13.02 8.40
CA LYS B 174 -18.91 -14.18 8.44
C LYS B 174 -18.17 -15.50 8.31
N THR B 175 -16.87 -15.52 8.60
CA THR B 175 -16.09 -16.74 8.47
C THR B 175 -15.86 -17.38 9.84
N MET B 176 -15.48 -18.66 9.82
CA MET B 176 -15.37 -19.45 11.05
C MET B 176 -14.23 -20.45 10.98
N GLY B 177 -13.07 -20.03 10.49
CA GLY B 177 -11.88 -20.86 10.55
C GLY B 177 -11.67 -21.71 9.31
N TRP B 178 -10.42 -22.15 9.13
CA TRP B 178 -10.01 -22.90 7.95
C TRP B 178 -10.15 -24.39 8.22
N GLU B 179 -10.62 -25.10 7.21
CA GLU B 179 -10.48 -26.56 7.24
C GLU B 179 -9.01 -26.91 7.08
N ALA B 180 -8.66 -28.12 7.50
CA ALA B 180 -7.29 -28.60 7.29
C ALA B 180 -6.98 -28.62 5.80
N SER B 181 -5.72 -28.31 5.45
CA SER B 181 -5.30 -28.19 4.06
C SER B 181 -4.13 -29.13 3.78
N THR B 182 -3.86 -29.30 2.49
CA THR B 182 -2.67 -29.99 2.04
C THR B 182 -2.01 -29.13 0.98
N GLU B 183 -0.77 -28.72 1.22
CA GLU B 183 0.00 -27.94 0.25
C GLU B 183 0.82 -28.88 -0.61
N ARG B 184 0.68 -28.75 -1.93
CA ARG B 184 1.49 -29.51 -2.88
C ARG B 184 2.77 -28.72 -3.15
N MET B 185 3.90 -29.30 -2.78
CA MET B 185 5.20 -28.64 -2.88
C MET B 185 5.92 -29.17 -4.11
N TYR B 186 6.66 -28.30 -4.79
CA TYR B 186 7.39 -28.74 -5.97
C TYR B 186 8.47 -27.72 -6.30
N PRO B 187 9.61 -28.14 -6.85
CA PRO B 187 10.64 -27.19 -7.25
C PRO B 187 10.27 -26.49 -8.55
N GLY B 188 10.59 -25.21 -8.64
CA GLY B 188 10.34 -24.48 -9.86
C GLY B 188 10.89 -23.09 -9.79
N ASP B 189 11.26 -22.50 -10.94
CA ASP B 189 11.77 -21.14 -10.96
C ASP B 189 10.60 -20.19 -10.77
N GLY B 190 10.58 -19.48 -9.64
CA GLY B 190 9.56 -18.50 -9.33
C GLY B 190 10.01 -17.05 -9.33
N ASP B 191 11.19 -16.75 -9.86
CA ASP B 191 11.67 -15.37 -9.81
C ASP B 191 12.47 -14.97 -11.04
N GLY B 192 12.46 -15.76 -12.11
CA GLY B 192 13.06 -15.35 -13.36
C GLY B 192 14.55 -15.46 -13.47
N ASP B 193 15.25 -16.04 -12.49
CA ASP B 193 16.70 -16.14 -12.62
C ASP B 193 17.15 -17.39 -13.34
N GLY B 194 16.23 -18.30 -13.68
CA GLY B 194 16.57 -19.56 -14.29
C GLY B 194 16.84 -20.68 -13.32
N GLU B 195 16.99 -20.38 -12.03
CA GLU B 195 17.23 -21.40 -11.01
C GLU B 195 15.93 -21.71 -10.27
N ALA B 196 15.70 -22.99 -10.00
CA ALA B 196 14.50 -23.38 -9.26
C ALA B 196 14.57 -22.94 -7.81
N GLU B 197 13.42 -22.51 -7.29
CA GLU B 197 13.16 -22.32 -5.88
C GLU B 197 12.07 -23.32 -5.48
N LEU B 198 11.48 -23.14 -4.31
CA LEU B 198 10.46 -24.07 -3.81
C LEU B 198 9.09 -23.44 -3.95
N LYS B 199 8.17 -24.13 -4.61
CA LYS B 199 6.81 -23.62 -4.79
C LYS B 199 5.80 -24.48 -4.03
N GLY B 200 4.67 -23.87 -3.70
CA GLY B 200 3.57 -24.59 -3.08
C GLY B 200 2.25 -24.10 -3.64
N GLU B 201 1.30 -25.02 -3.76
CA GLU B 201 -0.06 -24.67 -4.16
C GLU B 201 -1.04 -25.32 -3.18
N ILE B 202 -2.07 -24.57 -2.80
CA ILE B 202 -3.09 -25.05 -1.87
C ILE B 202 -4.48 -24.69 -2.36
N LYS B 203 -5.40 -25.65 -2.23
CA LYS B 203 -6.84 -25.38 -2.31
C LYS B 203 -7.33 -25.28 -0.87
N MET B 204 -7.72 -24.09 -0.45
CA MET B 204 -8.10 -23.87 0.94
C MET B 204 -9.58 -23.57 1.04
N ARG B 205 -10.17 -23.95 2.17
CA ARG B 205 -11.60 -23.80 2.40
C ARG B 205 -11.85 -23.17 3.77
N LEU B 206 -12.55 -22.03 3.76
CA LEU B 206 -12.95 -21.32 4.96
C LEU B 206 -14.39 -21.71 5.28
N LYS B 207 -14.65 -22.06 6.53
CA LYS B 207 -16.01 -22.33 6.96
C LYS B 207 -16.76 -21.02 7.13
N LEU B 208 -18.06 -21.02 6.79
CA LEU B 208 -18.88 -19.84 6.98
C LEU B 208 -19.76 -19.97 8.23
N LYS B 209 -19.86 -18.87 8.99
CA LYS B 209 -20.71 -18.81 10.19
C LYS B 209 -22.10 -19.37 9.98
N ASP B 210 -22.74 -19.02 8.86
CA ASP B 210 -24.13 -19.36 8.61
C ASP B 210 -24.30 -20.54 7.65
N GLY B 211 -23.24 -21.31 7.45
CA GLY B 211 -23.29 -22.55 6.68
C GLY B 211 -22.53 -22.43 5.37
N GLY B 212 -21.98 -23.56 4.93
CA GLY B 212 -21.26 -23.60 3.69
C GLY B 212 -19.79 -23.26 3.83
N HIS B 213 -19.13 -23.12 2.68
CA HIS B 213 -17.70 -22.88 2.61
C HIS B 213 -17.40 -21.76 1.64
N TYR B 214 -16.20 -21.19 1.79
CA TYR B 214 -15.71 -20.11 0.96
C TYR B 214 -14.28 -20.48 0.60
N ASP B 215 -14.00 -20.60 -0.69
CA ASP B 215 -12.78 -21.27 -1.14
C ASP B 215 -11.76 -20.27 -1.67
N ALA B 216 -10.48 -20.63 -1.54
CA ALA B 216 -9.38 -19.87 -2.09
C ALA B 216 -8.37 -20.81 -2.75
N GLU B 217 -7.75 -20.34 -3.81
CA GLU B 217 -6.62 -21.01 -4.47
C GLU B 217 -5.36 -20.21 -4.17
N VAL B 218 -4.32 -20.88 -3.67
CA VAL B 218 -3.15 -20.21 -3.14
C VAL B 218 -1.90 -20.73 -3.84
N LYS B 219 -1.01 -19.82 -4.22
CA LYS B 219 0.29 -20.18 -4.78
C LYS B 219 1.35 -19.38 -4.04
N THR B 220 2.41 -20.05 -3.63
CA THR B 220 3.50 -19.42 -2.89
C THR B 220 4.84 -19.87 -3.48
N THR B 221 5.80 -18.94 -3.53
CA THR B 221 7.19 -19.27 -3.83
C THR B 221 8.03 -18.99 -2.59
N TYR B 222 8.84 -19.97 -2.19
CA TYR B 222 9.73 -19.89 -1.04
C TYR B 222 11.15 -19.89 -1.54
N MET B 223 11.95 -18.92 -1.07
CA MET B 223 13.24 -18.61 -1.68
C MET B 223 14.31 -18.51 -0.61
N ALA B 224 15.21 -19.50 -0.58
CA ALA B 224 16.30 -19.48 0.39
C ALA B 224 17.31 -18.37 0.05
N LYS B 225 17.90 -17.79 1.10
CA LYS B 225 18.88 -16.72 0.93
C LYS B 225 20.28 -17.23 0.67
N LYS B 226 20.51 -18.53 0.73
CA LYS B 226 21.79 -19.13 0.37
C LYS B 226 21.51 -20.42 -0.38
N PRO B 227 22.50 -20.96 -1.09
CA PRO B 227 22.29 -22.19 -1.86
C PRO B 227 22.09 -23.37 -0.94
N VAL B 228 20.94 -24.02 -1.07
CA VAL B 228 20.59 -25.17 -0.23
C VAL B 228 19.85 -26.17 -1.09
N GLN B 229 19.88 -27.44 -0.67
CA GLN B 229 19.30 -28.52 -1.45
C GLN B 229 17.78 -28.41 -1.53
N LEU B 230 17.25 -28.45 -2.75
CA LEU B 230 15.81 -28.49 -2.93
C LEU B 230 15.30 -29.92 -2.84
N PRO B 231 14.08 -30.11 -2.33
CA PRO B 231 13.43 -31.42 -2.41
C PRO B 231 12.81 -31.62 -3.79
N GLY B 232 12.36 -32.84 -4.03
CA GLY B 232 11.42 -33.12 -5.10
C GLY B 232 10.02 -32.77 -4.66
N ALA B 233 9.06 -33.18 -5.48
CA ALA B 233 7.66 -32.94 -5.16
C ALA B 233 7.25 -33.71 -3.91
N TYR B 234 6.47 -33.07 -3.05
CA TYR B 234 5.94 -33.70 -1.83
C TYR B 234 4.73 -32.89 -1.36
N LYS B 235 4.16 -33.30 -0.23
CA LYS B 235 2.95 -32.67 0.28
C LYS B 235 3.11 -32.36 1.75
N THR B 236 2.50 -31.25 2.17
CA THR B 236 2.49 -30.86 3.58
C THR B 236 1.05 -30.77 4.06
N ASP B 237 0.74 -31.52 5.11
CA ASP B 237 -0.58 -31.46 5.74
C ASP B 237 -0.53 -30.43 6.85
N ILE B 238 -1.50 -29.50 6.82
CA ILE B 238 -1.50 -28.34 7.71
C ILE B 238 -2.88 -28.16 8.33
N LYS B 239 -2.90 -27.86 9.62
CA LYS B 239 -4.14 -27.48 10.30
C LYS B 239 -3.86 -26.32 11.23
N LEU B 240 -4.58 -25.21 11.02
CA LEU B 240 -4.43 -24.00 11.82
C LEU B 240 -5.73 -23.74 12.57
N ASP B 241 -5.61 -23.53 13.88
CA ASP B 241 -6.74 -23.26 14.76
C ASP B 241 -6.56 -21.91 15.45
N ILE B 242 -7.63 -21.13 15.52
CA ILE B 242 -7.70 -19.99 16.43
C ILE B 242 -8.05 -20.54 17.80
N THR B 243 -7.10 -20.50 18.74
CA THR B 243 -7.33 -21.09 20.05
C THR B 243 -7.94 -20.12 21.04
N SER B 244 -7.72 -18.81 20.88
CA SER B 244 -8.40 -17.83 21.72
C SER B 244 -8.37 -16.49 21.01
N HIS B 245 -9.28 -15.62 21.41
CA HIS B 245 -9.35 -14.27 20.86
C HIS B 245 -10.21 -13.43 21.78
N ASN B 246 -9.90 -12.14 21.86
CA ASN B 246 -10.86 -11.24 22.50
C ASN B 246 -12.01 -10.97 21.53
N GLU B 247 -13.03 -10.27 22.02
CA GLU B 247 -14.28 -10.18 21.27
C GLU B 247 -14.10 -9.54 19.90
N ASP B 248 -13.19 -8.59 19.77
CA ASP B 248 -13.02 -7.88 18.51
C ASP B 248 -11.78 -8.31 17.73
N TYR B 249 -11.16 -9.44 18.10
CA TYR B 249 -10.03 -10.00 17.34
C TYR B 249 -8.87 -9.01 17.23
N THR B 250 -8.63 -8.24 18.29
CA THR B 250 -7.43 -7.43 18.36
C THR B 250 -6.31 -8.10 19.17
N ILE B 251 -6.62 -9.17 19.89
CA ILE B 251 -5.61 -10.03 20.52
C ILE B 251 -6.03 -11.46 20.24
N VAL B 252 -5.20 -12.21 19.51
CA VAL B 252 -5.60 -13.47 18.90
C VAL B 252 -4.49 -14.48 19.10
N GLU B 253 -4.83 -15.70 19.51
CA GLU B 253 -3.85 -16.77 19.64
C GLU B 253 -4.16 -17.88 18.64
N GLN B 254 -3.11 -18.40 18.01
CA GLN B 254 -3.24 -19.40 16.96
C GLN B 254 -2.37 -20.60 17.29
N TYR B 255 -2.74 -21.76 16.74
CA TYR B 255 -1.96 -22.97 16.86
C TYR B 255 -1.94 -23.63 15.49
N GLU B 256 -0.77 -24.14 15.09
CA GLU B 256 -0.66 -24.82 13.82
C GLU B 256 0.17 -26.08 13.95
N ARG B 257 -0.27 -27.12 13.27
CA ARG B 257 0.48 -28.36 13.10
C ARG B 257 0.69 -28.61 11.62
N ALA B 258 1.92 -28.91 11.23
CA ALA B 258 2.27 -29.08 9.82
C ALA B 258 3.30 -30.19 9.69
N GLU B 259 3.09 -31.08 8.73
CA GLU B 259 3.99 -32.21 8.53
C GLU B 259 4.08 -32.55 7.04
N GLY B 260 5.31 -32.66 6.54
CA GLY B 260 5.56 -33.06 5.17
C GLY B 260 5.61 -34.58 5.05
N ARG B 261 5.18 -35.05 3.89
CA ARG B 261 5.17 -36.48 3.59
C ARG B 261 5.29 -36.66 2.08
N HIS B 262 5.61 -37.87 1.67
CA HIS B 262 5.65 -38.16 0.26
C HIS B 262 4.23 -38.10 -0.32
N SER B 263 4.16 -37.80 -1.60
CA SER B 263 2.88 -37.63 -2.27
C SER B 263 2.09 -38.94 -2.34
CA CA C . 11.86 17.75 -22.51
CA CA D . 13.51 19.48 -20.00
CA CA E . 16.20 -17.11 -7.08
CA CA F . 14.62 -18.82 -9.65
#